data_3I75
#
_entry.id   3I75
#
_cell.length_a   129.662
_cell.length_b   129.662
_cell.length_c   74.505
_cell.angle_alpha   90.00
_cell.angle_beta   90.00
_cell.angle_gamma   120.00
#
_symmetry.space_group_name_H-M   'P 32 2 1'
#
loop_
_entity.id
_entity.type
_entity.pdbx_description
1 polymer 'Antibody heavy chain'
2 polymer 'Antibody light chain'
3 non-polymer 'SULFATE ION'
4 non-polymer 'CHLORIDE ION'
5 non-polymer GLYCEROL
6 water water
#
loop_
_entity_poly.entity_id
_entity_poly.type
_entity_poly.pdbx_seq_one_letter_code
_entity_poly.pdbx_strand_id
1 'polypeptide(L)'
;DIQMTQSPSSLSASLGGKVTITCQSSQDINKYIGWYQHKPGKGPRLLIHYTSILRPDIPSRFSGSGSGRDYSFSISNLEP
EDTATYYCLQYDDLLLTFGAGTKLELKRADAAPTVSIFPPSSEQLTSGGASVVCFLNNFYPKDINVKWKIDGSERQNGVL
NSETDQDSKDSTYSMSSTLTLTKDEYERHNTYTCEATHKTSTSPIVKSFNRA
;
A
2 'polypeptide(L)'
;EVKLEESGAELVRPGASVTLSCAASGYTFTDFEIHWVKQPPVGGLEWIGTLDPETGGTAYNQNFKGRATLTADKSSSTAY
MELRSLTSEDSAVYYCTRWGKKFYYYGTSYAMDYWGQGTSVTVSSAKTTPPSVYPLAPG(UNK)(UNK)ATNSMVTLGCL
VKGYFPEPVTVTWNSGSLSGGVHTFPAVLQSDLYTLSSSVTVPSSTWPSETVTCNVAHPASSTKVDKKIVPRD
;
B
#
# COMPACT_ATOMS: atom_id res chain seq x y z
N ASP A 1 -17.93 -24.26 7.92
CA ASP A 1 -17.35 -22.91 7.62
C ASP A 1 -18.22 -22.24 6.57
N ILE A 2 -18.48 -20.96 6.75
CA ILE A 2 -19.27 -20.23 5.81
C ILE A 2 -18.43 -19.52 4.76
N GLN A 3 -18.71 -19.81 3.49
CA GLN A 3 -18.07 -19.15 2.36
C GLN A 3 -18.83 -17.90 1.97
N MET A 4 -18.12 -16.92 1.46
CA MET A 4 -18.65 -15.67 1.04
C MET A 4 -18.22 -15.39 -0.40
N THR A 5 -19.18 -15.06 -1.27
CA THR A 5 -18.91 -14.68 -2.65
C THR A 5 -19.22 -13.25 -2.89
N GLN A 6 -18.17 -12.42 -3.05
CA GLN A 6 -18.34 -11.00 -3.21
C GLN A 6 -18.22 -10.61 -4.69
N SER A 7 -19.14 -9.80 -5.22
CA SER A 7 -19.09 -9.37 -6.61
C SER A 7 -19.44 -7.93 -6.74
N PRO A 8 -18.91 -7.22 -7.75
CA PRO A 8 -17.92 -7.76 -8.67
C PRO A 8 -16.55 -7.59 -8.02
N SER A 9 -15.56 -8.10 -8.70
CA SER A 9 -14.18 -7.98 -8.22
C SER A 9 -13.60 -6.60 -8.39
N SER A 10 -14.13 -5.83 -9.35
CA SER A 10 -13.72 -4.49 -9.71
C SER A 10 -14.85 -3.69 -10.17
N LEU A 11 -14.86 -2.39 -9.91
CA LEU A 11 -15.92 -1.50 -10.34
C LEU A 11 -15.30 -0.18 -10.73
N SER A 12 -15.84 0.39 -11.80
CA SER A 12 -15.40 1.70 -12.25
C SER A 12 -16.63 2.57 -12.38
N ALA A 13 -16.74 3.70 -11.72
CA ALA A 13 -17.86 4.58 -11.94
C ALA A 13 -17.55 6.08 -11.94
N SER A 14 -18.48 6.92 -12.35
CA SER A 14 -18.24 8.35 -12.44
C SER A 14 -18.51 9.03 -11.17
N LEU A 15 -17.82 10.15 -10.99
CA LEU A 15 -18.04 11.10 -9.94
C LEU A 15 -19.50 11.51 -9.79
N GLY A 16 -20.02 11.54 -8.55
CA GLY A 16 -21.44 11.83 -8.35
C GLY A 16 -22.36 10.65 -8.56
N GLY A 17 -21.80 9.61 -9.12
CA GLY A 17 -22.56 8.41 -9.43
C GLY A 17 -22.74 7.49 -8.18
N LYS A 18 -23.30 6.32 -8.46
CA LYS A 18 -23.67 5.33 -7.49
C LYS A 18 -23.23 3.95 -7.87
N VAL A 19 -22.74 3.22 -6.88
CA VAL A 19 -22.35 1.84 -7.05
C VAL A 19 -22.96 0.98 -5.94
N THR A 20 -23.12 -0.28 -6.30
CA THR A 20 -23.54 -1.35 -5.42
C THR A 20 -22.66 -2.57 -5.60
N ILE A 21 -22.26 -3.15 -4.45
CA ILE A 21 -21.54 -4.41 -4.35
C ILE A 21 -22.41 -5.46 -3.63
N THR A 22 -22.35 -6.74 -4.02
CA THR A 22 -23.10 -7.80 -3.40
C THR A 22 -22.16 -8.80 -2.77
N CYS A 23 -22.68 -9.52 -1.78
CA CYS A 23 -22.05 -10.67 -1.12
C CYS A 23 -23.09 -11.78 -0.92
N GLN A 24 -22.76 -13.00 -1.26
CA GLN A 24 -23.63 -14.11 -1.02
C GLN A 24 -22.91 -15.17 -0.13
N SER A 25 -23.56 -15.56 0.97
CA SER A 25 -23.09 -16.54 1.96
C SER A 25 -23.56 -17.93 1.54
N SER A 26 -22.79 -18.94 1.91
CA SER A 26 -23.06 -20.34 1.60
C SER A 26 -24.27 -20.94 2.38
N GLN A 27 -24.60 -20.27 3.49
CA GLN A 27 -25.78 -20.52 4.28
C GLN A 27 -26.25 -19.19 4.91
N ASP A 28 -27.50 -19.19 5.39
CA ASP A 28 -28.14 -18.08 6.10
C ASP A 28 -27.13 -17.53 7.12
N ILE A 29 -26.85 -16.23 7.04
CA ILE A 29 -26.03 -15.56 8.09
C ILE A 29 -26.80 -14.60 8.98
N ASN A 30 -28.14 -14.56 8.83
CA ASN A 30 -29.02 -13.86 9.82
C ASN A 30 -28.69 -12.41 10.06
N LYS A 31 -28.32 -11.68 9.01
CA LYS A 31 -27.90 -10.30 9.04
C LYS A 31 -26.59 -9.97 9.74
N TYR A 32 -25.84 -10.97 10.20
CA TYR A 32 -24.52 -10.69 10.79
C TYR A 32 -23.46 -10.60 9.66
N ILE A 33 -23.49 -9.49 8.93
CA ILE A 33 -22.47 -9.08 7.97
C ILE A 33 -22.04 -7.67 8.24
N GLY A 34 -20.75 -7.42 8.02
CA GLY A 34 -20.19 -6.13 8.19
C GLY A 34 -19.46 -5.78 6.86
N TRP A 35 -19.12 -4.51 6.67
CA TRP A 35 -18.44 -4.04 5.44
C TRP A 35 -17.33 -3.10 5.90
N TYR A 36 -16.16 -3.33 5.33
CA TYR A 36 -14.91 -2.68 5.63
C TYR A 36 -14.29 -1.96 4.41
N GLN A 37 -13.59 -0.84 4.67
CA GLN A 37 -12.87 -0.10 3.65
C GLN A 37 -11.37 -0.14 3.85
N HIS A 38 -10.67 -0.49 2.78
CA HIS A 38 -9.22 -0.49 2.75
C HIS A 38 -8.74 0.47 1.67
N LYS A 39 -8.35 1.65 2.11
CA LYS A 39 -7.73 2.65 1.24
C LYS A 39 -6.25 2.36 1.09
N PRO A 40 -5.67 2.76 -0.04
CA PRO A 40 -4.27 2.39 -0.35
C PRO A 40 -3.29 2.91 0.66
N GLY A 41 -2.35 2.06 1.08
CA GLY A 41 -1.35 2.40 2.08
C GLY A 41 -1.87 2.59 3.50
N LYS A 42 -3.17 2.37 3.77
CA LYS A 42 -3.74 2.48 5.16
C LYS A 42 -4.32 1.15 5.67
N GLY A 43 -4.66 1.11 6.94
CA GLY A 43 -5.28 -0.08 7.54
C GLY A 43 -6.78 -0.09 7.33
N PRO A 44 -7.42 -1.25 7.46
CA PRO A 44 -8.84 -1.37 7.24
C PRO A 44 -9.71 -0.56 8.21
N ARG A 45 -10.89 -0.21 7.74
CA ARG A 45 -11.81 0.61 8.56
C ARG A 45 -13.17 -0.01 8.49
N LEU A 46 -13.82 -0.07 9.65
CA LEU A 46 -15.24 -0.49 9.72
C LEU A 46 -16.24 0.52 9.22
N LEU A 47 -17.12 0.16 8.33
CA LEU A 47 -18.13 1.07 7.82
C LEU A 47 -19.50 0.77 8.35
N ILE A 48 -19.92 -0.48 8.25
CA ILE A 48 -21.23 -0.94 8.61
C ILE A 48 -21.16 -2.36 9.33
N HIS A 49 -22.02 -2.57 10.33
CA HIS A 49 -22.22 -3.89 10.93
C HIS A 49 -23.72 -4.18 10.92
N TYR A 50 -24.07 -5.42 11.28
CA TYR A 50 -25.44 -5.93 11.27
C TYR A 50 -26.20 -5.43 10.02
N THR A 51 -25.66 -5.72 8.86
CA THR A 51 -26.22 -5.42 7.59
C THR A 51 -26.36 -3.93 7.20
N SER A 52 -26.86 -3.07 8.08
CA SER A 52 -27.21 -1.68 7.72
C SER A 52 -26.88 -0.58 8.71
N ILE A 53 -26.20 -0.90 9.80
CA ILE A 53 -25.98 0.02 10.85
C ILE A 53 -24.65 0.67 10.64
N LEU A 54 -24.65 1.98 10.49
CA LEU A 54 -23.51 2.77 10.09
C LEU A 54 -22.73 3.15 11.33
N ARG A 55 -21.43 3.30 11.25
CA ARG A 55 -20.81 4.01 12.34
C ARG A 55 -21.32 5.47 12.27
N PRO A 56 -21.27 6.27 13.35
CA PRO A 56 -21.77 7.67 13.19
C PRO A 56 -20.69 8.58 12.53
N ASP A 57 -19.45 8.09 12.36
CA ASP A 57 -18.39 8.92 11.69
C ASP A 57 -18.17 8.60 10.23
N ILE A 58 -19.13 7.87 9.69
CA ILE A 58 -19.08 7.46 8.30
C ILE A 58 -20.19 8.19 7.58
N PRO A 59 -19.88 8.79 6.44
CA PRO A 59 -20.90 9.46 5.63
C PRO A 59 -22.15 8.61 5.29
N SER A 60 -23.29 9.30 5.21
CA SER A 60 -24.63 8.67 5.03
C SER A 60 -24.86 8.26 3.58
N ARG A 61 -23.90 8.66 2.77
CA ARG A 61 -23.77 8.15 1.40
C ARG A 61 -23.59 6.61 1.31
N PHE A 62 -22.98 6.05 2.35
CA PHE A 62 -22.66 4.62 2.49
C PHE A 62 -23.86 3.92 3.08
N SER A 63 -24.33 2.83 2.47
CA SER A 63 -25.38 2.08 3.11
C SER A 63 -25.31 0.62 2.78
N GLY A 64 -26.19 -0.14 3.41
CA GLY A 64 -26.21 -1.59 3.23
C GLY A 64 -27.58 -2.19 3.43
N SER A 65 -27.78 -3.35 2.85
CA SER A 65 -29.08 -3.93 2.86
C SER A 65 -29.04 -5.46 2.70
N GLY A 66 -30.10 -6.17 3.03
CA GLY A 66 -30.22 -7.57 2.66
C GLY A 66 -30.65 -8.48 3.82
N SER A 67 -30.77 -9.77 3.55
CA SER A 67 -31.15 -10.68 4.55
C SER A 67 -30.87 -12.05 4.06
N GLY A 68 -30.94 -13.02 4.94
CA GLY A 68 -30.77 -14.40 4.52
C GLY A 68 -29.35 -14.72 4.05
N ARG A 69 -29.20 -15.17 2.81
CA ARG A 69 -27.91 -15.31 2.17
C ARG A 69 -27.46 -14.14 1.26
N ASP A 70 -28.27 -13.12 1.06
CA ASP A 70 -27.95 -12.13 0.03
C ASP A 70 -27.91 -10.74 0.56
N TYR A 71 -26.78 -10.09 0.35
CA TYR A 71 -26.53 -8.73 0.92
C TYR A 71 -25.95 -7.77 -0.11
N SER A 72 -26.15 -6.49 0.10
CA SER A 72 -25.46 -5.47 -0.69
C SER A 72 -25.00 -4.25 0.10
N PHE A 73 -24.01 -3.58 -0.50
CA PHE A 73 -23.38 -2.40 0.01
C PHE A 73 -23.41 -1.41 -1.15
N SER A 74 -23.74 -0.16 -0.85
CA SER A 74 -23.88 0.89 -1.86
C SER A 74 -23.26 2.15 -1.36
N ILE A 75 -22.70 2.88 -2.31
CA ILE A 75 -22.20 4.24 -2.12
C ILE A 75 -22.88 5.12 -3.20
N SER A 76 -23.48 6.21 -2.73
CA SER A 76 -24.14 7.20 -3.59
C SER A 76 -23.30 8.48 -3.61
N ASN A 77 -23.46 9.21 -4.68
CA ASN A 77 -22.78 10.46 -4.78
C ASN A 77 -21.23 10.33 -4.66
N LEU A 78 -20.67 9.39 -5.40
CA LEU A 78 -19.25 9.04 -5.32
C LEU A 78 -18.32 10.27 -5.31
N GLU A 79 -17.39 10.29 -4.36
CA GLU A 79 -16.28 11.22 -4.23
C GLU A 79 -14.91 10.42 -4.46
N PRO A 80 -13.89 11.14 -4.91
CA PRO A 80 -12.57 10.56 -5.16
C PRO A 80 -11.98 10.00 -3.85
N GLU A 81 -12.30 10.51 -2.68
CA GLU A 81 -11.81 9.93 -1.39
C GLU A 81 -12.45 8.51 -1.07
N ASP A 82 -13.41 8.05 -1.87
CA ASP A 82 -14.04 6.72 -1.82
C ASP A 82 -13.24 5.65 -2.51
N THR A 83 -12.19 6.07 -3.23
CA THR A 83 -11.32 5.15 -3.94
C THR A 83 -10.69 4.20 -2.92
N ALA A 84 -10.85 2.90 -3.13
CA ALA A 84 -10.48 1.88 -2.11
C ALA A 84 -10.86 0.51 -2.50
N THR A 85 -10.36 -0.47 -1.77
CA THR A 85 -10.87 -1.84 -1.84
C THR A 85 -11.90 -2.08 -0.65
N TYR A 86 -13.05 -2.69 -0.95
CA TYR A 86 -14.15 -2.90 0.00
C TYR A 86 -14.30 -4.45 0.24
N TYR A 87 -14.53 -4.85 1.53
CA TYR A 87 -14.78 -6.23 1.93
C TYR A 87 -16.02 -6.43 2.79
N CYS A 88 -16.79 -7.44 2.47
CA CYS A 88 -17.77 -7.97 3.39
C CYS A 88 -17.13 -8.95 4.37
N LEU A 89 -17.75 -9.10 5.54
CA LEU A 89 -17.33 -10.04 6.54
C LEU A 89 -18.56 -10.71 7.17
N GLN A 90 -18.61 -12.03 7.25
CA GLN A 90 -19.73 -12.73 7.98
C GLN A 90 -19.21 -13.12 9.33
N TYR A 91 -20.07 -12.98 10.35
CA TYR A 91 -19.71 -13.29 11.73
C TYR A 91 -20.86 -14.02 12.50
N ASP A 92 -21.60 -14.83 11.75
CA ASP A 92 -22.65 -15.70 12.20
C ASP A 92 -22.11 -17.09 12.48
N ASP A 93 -20.95 -17.12 13.14
CA ASP A 93 -20.20 -18.37 13.37
C ASP A 93 -19.07 -18.05 14.25
N LEU A 94 -18.45 -19.09 14.85
CA LEU A 94 -17.24 -18.88 15.63
C LEU A 94 -16.05 -18.46 14.73
N LEU A 95 -16.04 -19.02 13.52
CA LEU A 95 -15.05 -18.72 12.52
C LEU A 95 -15.57 -17.74 11.47
N LEU A 96 -14.88 -16.60 11.37
CA LEU A 96 -15.33 -15.50 10.52
C LEU A 96 -14.76 -15.66 9.13
N THR A 97 -15.41 -15.06 8.16
CA THR A 97 -14.93 -15.11 6.77
C THR A 97 -15.04 -13.77 6.05
N PHE A 98 -13.96 -13.30 5.45
CA PHE A 98 -14.03 -12.14 4.57
C PHE A 98 -14.37 -12.57 3.14
N GLY A 99 -15.10 -11.71 2.44
CA GLY A 99 -15.26 -11.84 1.00
C GLY A 99 -13.94 -11.50 0.32
N ALA A 100 -13.87 -11.77 -0.97
CA ALA A 100 -12.60 -11.55 -1.72
C ALA A 100 -12.21 -10.12 -2.03
N GLY A 101 -13.14 -9.16 -1.86
CA GLY A 101 -12.80 -7.78 -2.06
C GLY A 101 -13.29 -7.24 -3.40
N THR A 102 -13.54 -5.93 -3.41
CA THR A 102 -13.96 -5.17 -4.59
C THR A 102 -13.13 -3.93 -4.67
N LYS A 103 -12.40 -3.75 -5.77
CA LYS A 103 -11.56 -2.59 -5.93
C LYS A 103 -12.40 -1.56 -6.69
N LEU A 104 -12.60 -0.39 -6.10
CA LEU A 104 -13.37 0.66 -6.69
C LEU A 104 -12.45 1.71 -7.28
N GLU A 105 -12.67 2.08 -8.54
CA GLU A 105 -11.98 3.23 -9.15
C GLU A 105 -13.00 4.19 -9.73
N LEU A 106 -12.60 5.47 -9.91
CA LEU A 106 -13.46 6.47 -10.48
C LEU A 106 -13.06 6.77 -11.93
N LYS A 107 -14.04 7.07 -12.77
CA LYS A 107 -13.81 7.66 -14.07
C LYS A 107 -13.63 9.17 -14.01
N ARG A 108 -12.94 9.69 -15.01
CA ARG A 108 -12.75 11.14 -15.17
C ARG A 108 -12.29 11.34 -16.60
N ALA A 109 -12.10 12.59 -16.96
CA ALA A 109 -11.56 12.97 -18.29
C ALA A 109 -10.11 12.45 -18.49
N ASP A 110 -9.82 12.03 -19.71
CA ASP A 110 -8.49 11.76 -20.23
C ASP A 110 -7.51 12.90 -19.96
N ALA A 111 -6.35 12.49 -19.46
CA ALA A 111 -5.29 13.42 -19.14
C ALA A 111 -3.95 12.84 -19.53
N ALA A 112 -3.14 13.72 -20.16
CA ALA A 112 -1.85 13.29 -20.70
C ALA A 112 -0.91 13.29 -19.56
N PRO A 113 0.02 12.35 -19.55
CA PRO A 113 1.08 12.31 -18.52
C PRO A 113 2.00 13.50 -18.56
N THR A 114 2.40 14.01 -17.42
CA THR A 114 3.43 15.03 -17.43
C THR A 114 4.71 14.21 -17.20
N VAL A 115 5.66 14.30 -18.14
CA VAL A 115 6.86 13.40 -18.21
C VAL A 115 8.12 14.15 -17.86
N SER A 116 8.89 13.64 -16.89
CA SER A 116 10.18 14.19 -16.50
C SER A 116 11.20 13.09 -16.55
N ILE A 117 12.37 13.41 -17.11
CA ILE A 117 13.50 12.48 -17.17
C ILE A 117 14.69 13.02 -16.35
N PHE A 118 15.40 12.14 -15.61
CA PHE A 118 16.51 12.53 -14.74
C PHE A 118 17.75 11.69 -15.01
N PRO A 119 18.86 12.31 -15.26
CA PRO A 119 20.13 11.58 -15.40
C PRO A 119 20.65 11.06 -14.08
N PRO A 120 21.63 10.18 -14.11
CA PRO A 120 22.29 9.71 -12.90
C PRO A 120 22.94 10.83 -12.14
N SER A 121 22.85 10.82 -10.82
CA SER A 121 23.51 11.76 -9.94
C SER A 121 25.03 11.49 -9.87
N SER A 122 25.81 12.47 -9.42
CA SER A 122 27.26 12.29 -9.31
C SER A 122 27.50 11.34 -8.20
N GLU A 123 26.63 11.35 -7.21
CA GLU A 123 26.80 10.43 -6.11
C GLU A 123 26.75 8.93 -6.59
N GLN A 124 25.77 8.58 -7.42
CA GLN A 124 25.69 7.23 -7.99
C GLN A 124 26.86 6.92 -8.91
N LEU A 125 27.16 7.82 -9.82
CA LEU A 125 28.24 7.59 -10.77
C LEU A 125 29.54 7.22 -10.08
N THR A 126 29.83 7.90 -8.98
CA THR A 126 31.11 7.72 -8.33
C THR A 126 31.21 6.39 -7.68
N SER A 127 30.11 5.81 -7.28
CA SER A 127 30.10 4.41 -6.82
C SER A 127 30.11 3.36 -7.92
N GLY A 128 30.12 3.75 -9.19
CA GLY A 128 30.14 2.75 -10.28
C GLY A 128 28.87 2.44 -11.06
N GLY A 129 27.75 3.00 -10.62
CA GLY A 129 26.45 2.70 -11.22
C GLY A 129 25.85 3.90 -11.94
N ALA A 130 24.76 3.70 -12.67
CA ALA A 130 24.11 4.82 -13.36
C ALA A 130 22.65 4.48 -13.60
N SER A 131 21.74 5.13 -12.91
CA SER A 131 20.33 4.85 -13.18
C SER A 131 19.72 6.10 -13.81
N VAL A 132 18.87 5.88 -14.79
CA VAL A 132 18.09 6.96 -15.42
C VAL A 132 16.63 6.77 -15.06
N VAL A 133 15.95 7.85 -14.65
CA VAL A 133 14.62 7.77 -14.10
C VAL A 133 13.65 8.61 -14.91
N CYS A 134 12.47 8.07 -15.19
CA CYS A 134 11.40 8.78 -15.79
C CYS A 134 10.11 8.70 -14.92
N PHE A 135 9.51 9.85 -14.56
CA PHE A 135 8.18 9.95 -13.95
C PHE A 135 7.19 10.35 -15.00
N LEU A 136 6.06 9.64 -15.02
CA LEU A 136 4.94 9.86 -15.95
C LEU A 136 3.73 10.10 -15.03
N ASN A 137 3.49 11.36 -14.72
CA ASN A 137 2.64 11.74 -13.59
C ASN A 137 1.27 12.33 -14.03
N ASN A 138 0.26 11.96 -13.24
CA ASN A 138 -1.10 12.45 -13.24
C ASN A 138 -1.77 12.33 -14.58
N PHE A 139 -1.81 11.09 -15.10
CA PHE A 139 -2.48 10.76 -16.33
C PHE A 139 -3.75 9.92 -16.10
N TYR A 140 -4.56 9.87 -17.13
CA TYR A 140 -5.78 9.02 -17.19
C TYR A 140 -6.14 8.73 -18.61
N PRO A 141 -6.52 7.50 -18.96
CA PRO A 141 -6.67 6.30 -18.10
C PRO A 141 -5.36 5.57 -17.77
N LYS A 142 -5.51 4.50 -17.00
CA LYS A 142 -4.39 3.86 -16.36
C LYS A 142 -3.43 3.16 -17.36
N ASP A 143 -3.92 2.75 -18.52
CA ASP A 143 -3.12 1.89 -19.39
C ASP A 143 -2.03 2.79 -20.06
N ILE A 144 -0.78 2.38 -19.97
CA ILE A 144 0.34 3.15 -20.58
C ILE A 144 1.46 2.20 -20.77
N ASN A 145 2.28 2.39 -21.81
CA ASN A 145 3.44 1.54 -22.03
C ASN A 145 4.68 2.42 -22.20
N VAL A 146 5.78 2.09 -21.53
CA VAL A 146 6.98 2.89 -21.53
C VAL A 146 8.16 2.09 -22.08
N LYS A 147 8.95 2.67 -22.97
CA LYS A 147 10.15 2.04 -23.52
C LYS A 147 11.35 3.00 -23.39
N TRP A 148 12.52 2.43 -23.19
CA TRP A 148 13.72 3.16 -23.06
C TRP A 148 14.54 3.02 -24.37
N LYS A 149 14.99 4.15 -24.88
CA LYS A 149 16.01 4.12 -25.94
C LYS A 149 17.34 4.83 -25.60
N ILE A 150 18.43 4.17 -25.96
CA ILE A 150 19.78 4.64 -25.72
C ILE A 150 20.37 4.81 -27.16
N ASP A 151 20.69 6.05 -27.50
CA ASP A 151 21.11 6.43 -28.82
C ASP A 151 20.15 5.79 -29.87
N GLY A 152 18.88 5.84 -29.58
CA GLY A 152 17.88 5.27 -30.44
C GLY A 152 17.47 3.79 -30.29
N SER A 153 18.32 2.97 -29.68
CA SER A 153 18.13 1.54 -29.61
C SER A 153 17.39 1.14 -28.36
N GLU A 154 16.43 0.23 -28.53
CA GLU A 154 15.59 -0.20 -27.46
C GLU A 154 16.29 -1.09 -26.44
N ARG A 155 16.16 -0.72 -25.17
CA ARG A 155 16.70 -1.57 -24.11
C ARG A 155 15.62 -2.07 -23.15
N GLN A 156 15.41 -3.37 -23.15
CA GLN A 156 14.38 -3.95 -22.25
C GLN A 156 14.87 -4.45 -20.93
N ASN A 157 16.07 -4.97 -20.91
CA ASN A 157 16.66 -5.50 -19.68
C ASN A 157 17.06 -4.37 -18.72
N GLY A 158 16.99 -4.62 -17.40
CA GLY A 158 17.40 -3.66 -16.40
C GLY A 158 16.42 -2.49 -16.19
N VAL A 159 15.15 -2.67 -16.59
CA VAL A 159 14.10 -1.64 -16.42
C VAL A 159 13.17 -1.99 -15.26
N LEU A 160 12.97 -1.10 -14.31
CA LEU A 160 12.05 -1.35 -13.17
C LEU A 160 10.91 -0.36 -13.25
N ASN A 161 9.71 -0.88 -13.34
CA ASN A 161 8.53 -0.04 -13.45
C ASN A 161 7.62 -0.06 -12.23
N SER A 162 7.10 1.07 -11.76
CA SER A 162 6.15 1.07 -10.64
C SER A 162 5.00 2.06 -10.87
N GLU A 163 3.76 1.60 -10.65
CA GLU A 163 2.48 2.35 -10.80
C GLU A 163 1.84 2.66 -9.43
N THR A 164 1.34 3.90 -9.25
CA THR A 164 0.52 4.24 -8.09
C THR A 164 -0.94 3.70 -8.21
N ASP A 165 -1.58 3.57 -7.04
CA ASP A 165 -3.04 3.44 -7.01
C ASP A 165 -3.66 4.79 -7.40
N GLN A 166 -4.92 4.77 -7.75
CA GLN A 166 -5.56 5.98 -8.25
C GLN A 166 -5.45 7.08 -7.20
N ASP A 167 -5.22 8.30 -7.64
CA ASP A 167 -5.03 9.39 -6.68
C ASP A 167 -6.38 9.76 -6.08
N SER A 168 -6.43 9.94 -4.77
CA SER A 168 -7.72 10.11 -4.15
C SER A 168 -8.22 11.58 -4.16
N LYS A 169 -7.51 12.51 -4.83
CA LYS A 169 -8.00 13.87 -5.08
C LYS A 169 -8.42 14.10 -6.52
N ASP A 170 -7.58 13.75 -7.51
CA ASP A 170 -7.86 14.07 -8.94
C ASP A 170 -8.12 12.86 -9.80
N SER A 171 -8.13 11.68 -9.17
CA SER A 171 -8.49 10.50 -9.85
C SER A 171 -7.56 10.14 -11.01
N THR A 172 -6.33 10.65 -10.95
CA THR A 172 -5.29 10.24 -11.95
C THR A 172 -4.42 9.12 -11.40
N TYR A 173 -3.65 8.52 -12.31
CA TYR A 173 -2.59 7.59 -12.04
C TYR A 173 -1.17 8.18 -12.36
N SER A 174 -0.14 7.64 -11.70
CA SER A 174 1.25 8.00 -11.96
C SER A 174 2.10 6.71 -12.07
N MET A 175 3.23 6.86 -12.74
CA MET A 175 4.17 5.75 -13.04
C MET A 175 5.65 6.26 -12.93
N SER A 176 6.51 5.40 -12.39
CA SER A 176 7.93 5.64 -12.35
C SER A 176 8.57 4.51 -13.18
N SER A 177 9.60 4.83 -13.96
CA SER A 177 10.36 3.85 -14.67
C SER A 177 11.84 4.17 -14.56
N THR A 178 12.65 3.19 -14.15
CA THR A 178 14.05 3.36 -13.86
C THR A 178 14.89 2.40 -14.71
N LEU A 179 15.78 2.94 -15.53
CA LEU A 179 16.68 2.13 -16.36
C LEU A 179 18.01 2.08 -15.62
N THR A 180 18.48 0.90 -15.21
CA THR A 180 19.75 0.85 -14.47
C THR A 180 20.85 0.26 -15.40
N LEU A 181 21.94 1.01 -15.53
CA LEU A 181 23.13 0.68 -16.29
C LEU A 181 24.34 0.77 -15.36
N THR A 182 25.53 0.47 -15.85
CA THR A 182 26.74 0.80 -15.14
C THR A 182 27.19 2.19 -15.56
N LYS A 183 28.02 2.83 -14.75
CA LYS A 183 28.72 4.03 -15.13
C LYS A 183 29.42 3.86 -16.48
N ASP A 184 30.09 2.72 -16.61
CA ASP A 184 30.92 2.42 -17.80
C ASP A 184 30.06 2.45 -19.06
N GLU A 185 28.95 1.79 -18.98
CA GLU A 185 28.09 1.70 -20.13
C GLU A 185 27.36 3.04 -20.39
N TYR A 186 26.96 3.73 -19.32
CA TYR A 186 26.31 5.07 -19.41
C TYR A 186 27.23 6.03 -20.18
N GLU A 187 28.51 5.98 -19.85
CA GLU A 187 29.46 6.94 -20.40
C GLU A 187 29.83 6.65 -21.84
N ARG A 188 29.43 5.53 -22.40
CA ARG A 188 29.60 5.18 -23.82
C ARG A 188 28.56 5.68 -24.83
N HIS A 189 27.46 6.29 -24.31
CA HIS A 189 26.32 6.69 -25.07
C HIS A 189 25.98 8.12 -24.71
N ASN A 190 25.24 8.78 -25.62
CA ASN A 190 24.84 10.14 -25.48
C ASN A 190 23.41 10.45 -25.25
N THR A 191 22.52 9.77 -25.91
CA THR A 191 21.10 10.11 -25.90
C THR A 191 20.29 9.07 -25.09
N TYR A 192 19.46 9.54 -24.21
CA TYR A 192 18.61 8.73 -23.29
C TYR A 192 17.18 9.23 -23.38
N THR A 193 16.30 8.35 -23.82
CA THR A 193 14.95 8.73 -24.13
C THR A 193 13.95 7.81 -23.38
N CYS A 194 12.97 8.46 -22.74
CA CYS A 194 11.79 7.88 -22.09
C CYS A 194 10.66 8.09 -23.11
N GLU A 195 10.15 7.02 -23.71
CA GLU A 195 9.07 7.01 -24.74
C GLU A 195 7.79 6.29 -24.28
N ALA A 196 6.72 7.05 -24.15
CA ALA A 196 5.49 6.52 -23.63
C ALA A 196 4.37 6.48 -24.69
N THR A 197 3.68 5.37 -24.82
CA THR A 197 2.41 5.32 -25.57
C THR A 197 1.20 5.32 -24.64
N HIS A 198 0.27 6.26 -24.90
CA HIS A 198 -0.92 6.51 -24.07
C HIS A 198 -2.03 6.97 -24.97
N LYS A 199 -3.28 6.66 -24.66
CA LYS A 199 -4.38 6.94 -25.65
C LYS A 199 -4.59 8.44 -25.95
N THR A 200 -4.03 9.33 -25.11
CA THR A 200 -4.15 10.78 -25.30
C THR A 200 -3.32 11.41 -26.50
N SER A 201 -2.48 10.59 -27.11
CA SER A 201 -1.68 11.04 -28.26
C SER A 201 -1.60 9.87 -29.23
N THR A 202 -1.73 10.25 -30.50
CA THR A 202 -1.54 9.42 -31.70
C THR A 202 -0.12 8.82 -31.79
N SER A 203 0.89 9.65 -31.49
CA SER A 203 2.29 9.17 -31.47
C SER A 203 2.81 9.31 -30.01
N PRO A 204 3.98 8.75 -29.69
CA PRO A 204 4.46 8.69 -28.33
C PRO A 204 4.80 9.99 -27.73
N ILE A 205 4.75 10.03 -26.42
CA ILE A 205 5.13 11.17 -25.64
C ILE A 205 6.51 10.83 -25.19
N VAL A 206 7.46 11.71 -25.49
CA VAL A 206 8.86 11.45 -25.25
C VAL A 206 9.54 12.58 -24.48
N LYS A 207 10.48 12.14 -23.67
CA LYS A 207 11.40 13.01 -23.06
C LYS A 207 12.81 12.44 -23.19
N SER A 208 13.79 13.31 -23.54
CA SER A 208 15.17 12.87 -23.74
C SER A 208 16.15 13.80 -23.10
N PHE A 209 17.36 13.32 -22.89
CA PHE A 209 18.44 14.24 -22.61
C PHE A 209 19.68 13.72 -23.29
N ASN A 210 20.64 14.62 -23.47
CA ASN A 210 21.94 14.28 -24.02
C ASN A 210 23.00 14.43 -22.94
N ARG A 211 23.79 13.43 -22.73
CA ARG A 211 24.85 13.41 -21.72
C ARG A 211 25.87 14.57 -21.95
N ALA A 212 26.16 14.97 -23.19
CA ALA A 212 27.16 16.10 -23.47
C ALA A 212 26.88 17.05 -24.70
N GLU B 1 -7.52 7.77 22.55
CA GLU B 1 -7.58 6.85 23.70
C GLU B 1 -7.54 5.35 23.39
N VAL B 2 -8.57 4.71 22.80
CA VAL B 2 -8.40 3.27 22.45
C VAL B 2 -7.23 3.12 21.46
N LYS B 3 -6.21 2.36 21.88
CA LYS B 3 -5.05 2.05 21.05
C LYS B 3 -4.62 0.58 21.05
N LEU B 4 -4.17 0.16 19.85
CA LEU B 4 -3.60 -1.18 19.62
C LEU B 4 -2.27 -0.94 18.91
N GLU B 5 -1.17 -1.27 19.56
CA GLU B 5 0.17 -0.91 19.12
C GLU B 5 1.00 -2.16 18.79
N GLU B 6 1.27 -2.33 17.52
CA GLU B 6 1.95 -3.59 17.14
C GLU B 6 3.41 -3.46 17.10
N SER B 7 4.10 -4.59 17.29
CA SER B 7 5.54 -4.69 17.11
C SER B 7 6.03 -4.39 15.69
N GLY B 8 7.33 -4.19 15.57
CA GLY B 8 7.95 -3.75 14.32
C GLY B 8 8.23 -4.87 13.34
N ALA B 9 8.62 -4.48 12.12
CA ALA B 9 8.77 -5.38 11.04
C ALA B 9 9.76 -6.46 11.38
N GLU B 10 9.52 -7.65 10.80
CA GLU B 10 10.28 -8.85 11.11
C GLU B 10 10.77 -9.44 9.84
N LEU B 11 12.03 -9.78 9.81
CA LEU B 11 12.60 -10.57 8.73
C LEU B 11 12.82 -11.99 9.27
N VAL B 12 12.24 -12.98 8.61
CA VAL B 12 12.41 -14.39 9.07
C VAL B 12 12.92 -15.41 8.05
N ARG B 13 13.86 -16.25 8.47
CA ARG B 13 14.48 -17.16 7.55
C ARG B 13 13.49 -18.27 7.29
N PRO B 14 13.52 -18.85 6.13
CA PRO B 14 12.64 -19.99 5.82
C PRO B 14 12.88 -21.09 6.84
N GLY B 15 11.79 -21.60 7.40
CA GLY B 15 11.84 -22.69 8.35
C GLY B 15 11.87 -22.21 9.76
N ALA B 16 12.08 -20.91 9.99
CA ALA B 16 12.16 -20.36 11.34
C ALA B 16 10.83 -19.76 11.75
N SER B 17 10.74 -19.25 12.98
CA SER B 17 9.55 -18.77 13.58
C SER B 17 9.66 -17.35 14.09
N VAL B 18 8.55 -16.70 14.36
CA VAL B 18 8.57 -15.39 14.99
C VAL B 18 7.32 -15.12 15.76
N THR B 19 7.40 -14.20 16.71
CA THR B 19 6.29 -13.90 17.63
C THR B 19 5.94 -12.45 17.56
N LEU B 20 4.70 -12.12 17.23
CA LEU B 20 4.25 -10.77 17.07
C LEU B 20 3.49 -10.39 18.29
N SER B 21 3.53 -9.10 18.59
CA SER B 21 2.85 -8.57 19.79
C SER B 21 1.95 -7.40 19.43
N CYS B 22 0.90 -7.22 20.23
CA CYS B 22 -0.06 -6.16 20.04
C CYS B 22 -0.42 -5.64 21.43
N ALA B 23 0.01 -4.42 21.79
CA ALA B 23 -0.20 -3.85 23.16
C ALA B 23 -1.45 -2.97 23.14
N ALA B 24 -2.43 -3.31 23.97
CA ALA B 24 -3.73 -2.61 23.95
C ALA B 24 -3.71 -1.54 25.06
N SER B 25 -4.35 -0.41 24.83
CA SER B 25 -4.51 0.57 25.91
C SER B 25 -5.86 1.32 25.70
N GLY B 26 -6.36 2.00 26.74
CA GLY B 26 -7.51 2.88 26.50
C GLY B 26 -8.85 2.19 26.64
N TYR B 27 -8.83 0.96 27.17
CA TYR B 27 -10.07 0.18 27.38
C TYR B 27 -9.77 -0.96 28.27
N THR B 28 -10.80 -1.62 28.75
CA THR B 28 -10.60 -2.84 29.54
C THR B 28 -10.18 -4.04 28.69
N PHE B 29 -8.94 -4.48 28.81
CA PHE B 29 -8.39 -5.56 28.00
C PHE B 29 -9.20 -6.83 27.93
N THR B 30 -9.65 -7.34 29.05
CA THR B 30 -10.35 -8.62 29.09
C THR B 30 -11.82 -8.60 28.70
N ASP B 31 -12.35 -7.44 28.39
CA ASP B 31 -13.74 -7.39 27.86
C ASP B 31 -13.81 -7.55 26.32
N PHE B 32 -12.68 -7.70 25.65
CA PHE B 32 -12.68 -7.79 24.18
C PHE B 32 -11.82 -8.95 23.75
N GLU B 33 -12.32 -9.70 22.75
CA GLU B 33 -11.46 -10.68 22.04
C GLU B 33 -10.44 -9.90 21.23
N ILE B 34 -9.29 -10.52 20.96
CA ILE B 34 -8.38 -10.05 20.02
C ILE B 34 -8.40 -10.99 18.78
N HIS B 35 -8.73 -10.44 17.63
CA HIS B 35 -8.68 -11.15 16.35
C HIS B 35 -7.42 -10.74 15.60
N TRP B 36 -6.86 -11.68 14.82
CA TRP B 36 -5.81 -11.41 13.93
C TRP B 36 -6.19 -11.66 12.48
N VAL B 37 -5.62 -10.86 11.58
CA VAL B 37 -6.01 -10.77 10.18
C VAL B 37 -4.78 -10.63 9.33
N LYS B 38 -4.72 -11.40 8.25
CA LYS B 38 -3.56 -11.38 7.30
C LYS B 38 -3.89 -10.64 6.06
N GLN B 39 -2.95 -9.84 5.54
CA GLN B 39 -3.12 -9.09 4.29
C GLN B 39 -1.97 -9.47 3.44
N PRO B 40 -2.18 -10.46 2.58
CA PRO B 40 -1.15 -10.93 1.72
C PRO B 40 -0.77 -9.81 0.72
N PRO B 41 0.40 -9.93 0.05
CA PRO B 41 0.89 -8.92 -0.91
C PRO B 41 -0.17 -8.70 -2.01
N VAL B 42 -0.77 -9.76 -2.49
CA VAL B 42 -1.69 -9.53 -3.60
C VAL B 42 -2.92 -10.29 -3.23
N GLY B 43 -4.11 -9.73 -3.35
CA GLY B 43 -5.26 -10.51 -2.86
C GLY B 43 -5.67 -10.15 -1.40
N GLY B 44 -6.74 -10.71 -0.93
CA GLY B 44 -7.50 -10.02 0.07
C GLY B 44 -7.31 -10.50 1.49
N LEU B 45 -7.91 -9.76 2.40
CA LEU B 45 -7.87 -10.00 3.83
C LEU B 45 -8.30 -11.41 4.20
N GLU B 46 -7.52 -12.04 5.07
CA GLU B 46 -7.88 -13.36 5.56
C GLU B 46 -7.94 -13.39 7.10
N TRP B 47 -9.03 -13.94 7.65
CA TRP B 47 -9.18 -14.02 9.12
C TRP B 47 -8.38 -15.22 9.63
N ILE B 48 -7.52 -14.98 10.62
CA ILE B 48 -6.67 -16.01 11.16
C ILE B 48 -7.31 -16.69 12.32
N GLY B 49 -7.71 -15.88 13.29
CA GLY B 49 -8.25 -16.47 14.52
C GLY B 49 -8.63 -15.47 15.58
N THR B 50 -9.21 -15.97 16.68
CA THR B 50 -9.62 -15.18 17.81
C THR B 50 -9.09 -15.76 19.11
N LEU B 51 -8.81 -14.87 20.07
CA LEU B 51 -8.38 -15.19 21.42
C LEU B 51 -9.22 -14.38 22.45
N ASP B 52 -9.69 -15.05 23.48
CA ASP B 52 -10.34 -14.40 24.61
C ASP B 52 -9.27 -14.33 25.73
N PRO B 53 -8.73 -13.15 25.93
CA PRO B 53 -7.58 -12.98 26.84
C PRO B 53 -7.91 -13.27 28.33
N GLU B 54 -9.19 -13.23 28.71
CA GLU B 54 -9.59 -13.58 30.08
C GLU B 54 -9.33 -15.06 30.37
N THR B 55 -9.56 -15.96 29.41
CA THR B 55 -9.46 -17.39 29.72
C THR B 55 -8.41 -18.11 28.94
N GLY B 56 -7.86 -17.51 27.87
CA GLY B 56 -6.99 -18.30 26.97
C GLY B 56 -7.72 -19.08 25.87
N GLY B 57 -9.04 -18.90 25.77
CA GLY B 57 -9.82 -19.59 24.75
C GLY B 57 -9.49 -19.09 23.35
N THR B 58 -9.33 -20.02 22.39
CA THR B 58 -8.95 -19.70 20.96
C THR B 58 -9.82 -20.43 19.98
N ALA B 59 -9.89 -19.88 18.78
CA ALA B 59 -10.43 -20.60 17.60
C ALA B 59 -9.69 -20.04 16.37
N TYR B 60 -9.50 -20.89 15.34
CA TYR B 60 -8.67 -20.57 14.12
C TYR B 60 -9.40 -20.99 12.90
N ASN B 61 -9.25 -20.26 11.80
CA ASN B 61 -9.51 -20.75 10.49
C ASN B 61 -8.59 -21.93 10.33
N GLN B 62 -9.14 -22.93 9.69
CA GLN B 62 -8.47 -24.23 9.48
C GLN B 62 -7.07 -24.13 8.85
N ASN B 63 -6.96 -23.22 7.93
CA ASN B 63 -5.75 -23.03 7.22
C ASN B 63 -4.64 -22.52 8.06
N PHE B 64 -4.94 -21.98 9.20
CA PHE B 64 -3.92 -21.48 10.13
C PHE B 64 -3.70 -22.34 11.37
N LYS B 65 -4.50 -23.42 11.52
CA LYS B 65 -4.29 -24.32 12.64
C LYS B 65 -3.07 -25.14 12.40
N GLY B 66 -2.19 -25.16 13.37
CA GLY B 66 -0.83 -25.70 13.14
C GLY B 66 0.19 -24.61 12.79
N ARG B 67 -0.21 -23.41 12.44
CA ARG B 67 0.75 -22.40 11.95
C ARG B 67 0.85 -21.23 12.97
N ALA B 68 -0.31 -20.75 13.42
CA ALA B 68 -0.45 -19.67 14.38
C ALA B 68 -0.86 -20.13 15.75
N THR B 69 -0.32 -19.49 16.76
CA THR B 69 -0.75 -19.69 18.14
C THR B 69 -0.95 -18.38 18.85
N LEU B 70 -2.16 -18.17 19.37
CA LEU B 70 -2.53 -16.99 20.02
C LEU B 70 -2.43 -17.12 21.54
N THR B 71 -1.72 -16.18 22.16
CA THR B 71 -1.71 -16.03 23.65
C THR B 71 -1.79 -14.57 24.05
N ALA B 72 -1.81 -14.37 25.37
CA ALA B 72 -1.84 -13.03 25.94
C ALA B 72 -1.24 -13.01 27.32
N ASP B 73 -0.80 -11.82 27.68
CA ASP B 73 -0.33 -11.55 29.06
C ASP B 73 -1.26 -10.48 29.64
N LYS B 74 -2.17 -10.83 30.55
CA LYS B 74 -3.04 -9.80 31.15
C LYS B 74 -2.31 -8.68 31.93
N SER B 75 -1.18 -8.96 32.56
CA SER B 75 -0.52 -7.95 33.42
C SER B 75 -0.14 -6.78 32.51
N SER B 76 0.47 -7.11 31.33
CA SER B 76 0.91 -6.07 30.38
C SER B 76 -0.17 -5.65 29.38
N SER B 77 -1.38 -6.19 29.45
CA SER B 77 -2.40 -5.92 28.40
C SER B 77 -1.96 -6.21 26.93
N THR B 78 -1.20 -7.27 26.73
CA THR B 78 -0.52 -7.52 25.45
C THR B 78 -0.92 -8.89 24.85
N ALA B 79 -1.34 -8.89 23.59
CA ALA B 79 -1.67 -10.12 22.85
C ALA B 79 -0.47 -10.53 21.97
N TYR B 80 -0.25 -11.82 21.82
CA TYR B 80 0.81 -12.36 21.00
C TYR B 80 0.28 -13.40 19.95
N MET B 81 1.00 -13.49 18.83
CA MET B 81 0.78 -14.45 17.74
C MET B 81 2.11 -15.00 17.34
N GLU B 82 2.30 -16.24 17.63
CA GLU B 82 3.49 -16.95 17.20
C GLU B 82 3.18 -17.62 15.87
N LEU B 83 4.02 -17.31 14.89
CA LEU B 83 3.96 -17.84 13.56
C LEU B 83 5.12 -18.79 13.42
N ARG B 84 4.83 -20.07 13.27
CA ARG B 84 5.86 -21.07 13.42
C ARG B 84 6.24 -21.72 12.12
N SER B 85 7.53 -21.80 11.85
CA SER B 85 8.05 -22.57 10.73
C SER B 85 7.51 -22.08 9.36
N LEU B 86 8.06 -20.98 8.90
CA LEU B 86 7.47 -20.17 7.81
C LEU B 86 8.10 -20.36 6.46
N THR B 87 7.29 -20.11 5.45
CA THR B 87 7.76 -19.95 4.11
C THR B 87 7.34 -18.54 3.58
N SER B 88 7.74 -18.24 2.33
CA SER B 88 7.27 -17.10 1.57
C SER B 88 5.74 -16.95 1.45
N GLU B 89 4.97 -18.05 1.55
CA GLU B 89 3.48 -18.01 1.61
C GLU B 89 3.02 -17.24 2.85
N ASP B 90 3.86 -17.17 3.83
CA ASP B 90 3.56 -16.44 5.06
C ASP B 90 4.05 -14.98 5.10
N SER B 91 4.70 -14.53 4.02
CA SER B 91 5.06 -13.14 3.90
C SER B 91 3.82 -12.29 3.74
N ALA B 92 3.67 -11.29 4.57
CA ALA B 92 2.44 -10.46 4.55
C ALA B 92 2.49 -9.36 5.62
N VAL B 93 1.43 -8.55 5.65
CA VAL B 93 1.15 -7.70 6.78
C VAL B 93 0.10 -8.31 7.72
N TYR B 94 0.44 -8.34 9.01
CA TYR B 94 -0.48 -8.94 9.97
C TYR B 94 -1.04 -7.87 10.89
N TYR B 95 -2.35 -7.85 11.08
CA TYR B 95 -3.05 -6.95 11.98
C TYR B 95 -3.63 -7.69 13.16
N CYS B 96 -3.67 -7.01 14.31
CA CYS B 96 -4.59 -7.29 15.42
C CYS B 96 -5.72 -6.28 15.40
N THR B 97 -6.89 -6.70 15.87
CA THR B 97 -8.07 -5.89 15.87
C THR B 97 -8.96 -6.41 17.01
N ARG B 98 -9.84 -5.55 17.55
CA ARG B 98 -10.64 -6.01 18.67
C ARG B 98 -12.05 -6.34 18.32
N TRP B 99 -12.66 -7.21 19.13
CA TRP B 99 -14.05 -7.67 18.93
C TRP B 99 -14.77 -7.69 20.31
N GLY B 100 -15.90 -7.02 20.42
CA GLY B 100 -16.69 -7.02 21.65
C GLY B 100 -17.17 -8.41 22.03
N LYS B 101 -16.81 -8.82 23.22
CA LYS B 101 -17.04 -10.18 23.70
C LYS B 101 -18.43 -10.46 24.11
N LYS B 102 -19.06 -9.48 24.70
CA LYS B 102 -20.37 -9.71 25.26
C LYS B 102 -21.44 -9.94 24.18
N PHE B 103 -22.22 -11.05 24.32
CA PHE B 103 -23.32 -11.39 23.47
C PHE B 103 -24.47 -10.33 23.58
N TYR B 104 -24.98 -9.85 22.45
CA TYR B 104 -26.19 -8.99 22.33
C TYR B 104 -27.04 -9.58 21.26
N TYR B 105 -28.33 -9.31 21.37
CA TYR B 105 -29.29 -9.92 20.48
C TYR B 105 -28.91 -9.61 18.99
N TYR B 106 -28.44 -8.38 18.73
CA TYR B 106 -28.16 -7.91 17.36
C TYR B 106 -26.64 -7.83 17.12
N GLY B 107 -25.93 -8.56 17.97
CA GLY B 107 -24.50 -8.77 17.92
C GLY B 107 -23.77 -7.54 18.43
N THR B 108 -22.44 -7.59 18.46
CA THR B 108 -21.63 -6.46 18.90
C THR B 108 -21.64 -5.25 17.94
N SER B 109 -21.55 -4.07 18.54
CA SER B 109 -21.14 -2.75 17.98
C SER B 109 -19.63 -2.67 17.67
N TYR B 110 -18.83 -3.34 18.48
CA TYR B 110 -17.38 -3.30 18.38
C TYR B 110 -16.84 -4.37 17.44
N ALA B 111 -17.21 -4.26 16.18
CA ALA B 111 -16.85 -5.31 15.22
C ALA B 111 -15.61 -4.91 14.47
N MET B 112 -14.47 -5.17 15.04
CA MET B 112 -13.27 -4.65 14.42
C MET B 112 -13.34 -3.13 14.16
N ASP B 113 -13.74 -2.44 15.25
CA ASP B 113 -13.85 -0.98 15.22
C ASP B 113 -12.47 -0.36 15.38
N TYR B 114 -11.56 -0.93 16.16
CA TYR B 114 -10.19 -0.49 16.14
C TYR B 114 -9.17 -1.57 15.70
N TRP B 115 -8.13 -1.09 15.03
CA TRP B 115 -7.09 -1.96 14.48
C TRP B 115 -5.70 -1.46 14.86
N GLY B 116 -4.77 -2.38 15.02
CA GLY B 116 -3.38 -2.06 15.09
C GLY B 116 -2.88 -1.53 13.75
N GLN B 117 -1.66 -1.01 13.74
CA GLN B 117 -1.09 -0.43 12.50
C GLN B 117 -0.49 -1.45 11.54
N GLY B 118 -0.33 -2.69 11.98
CA GLY B 118 0.16 -3.75 11.13
C GLY B 118 1.60 -3.98 11.34
N THR B 119 1.98 -5.27 11.29
CA THR B 119 3.32 -5.69 11.32
C THR B 119 3.63 -6.44 10.00
N SER B 120 4.66 -5.99 9.30
CA SER B 120 5.09 -6.57 8.09
C SER B 120 6.11 -7.71 8.36
N VAL B 121 5.89 -8.86 7.75
CA VAL B 121 6.70 -10.03 7.95
C VAL B 121 7.14 -10.50 6.61
N THR B 122 8.46 -10.57 6.44
CA THR B 122 9.05 -11.02 5.20
C THR B 122 9.82 -12.29 5.49
N VAL B 123 9.53 -13.35 4.75
CA VAL B 123 10.21 -14.64 4.95
C VAL B 123 11.21 -14.86 3.80
N SER B 124 12.52 -14.84 4.09
CA SER B 124 13.53 -14.83 3.06
C SER B 124 14.87 -15.09 3.68
N SER B 125 15.72 -15.73 2.89
CA SER B 125 17.12 -15.86 3.33
C SER B 125 18.06 -14.68 2.81
N ALA B 126 17.50 -13.62 2.19
CA ALA B 126 18.36 -12.51 1.76
C ALA B 126 18.79 -11.68 2.96
N LYS B 127 19.89 -10.96 2.79
CA LYS B 127 20.41 -10.14 3.91
C LYS B 127 19.90 -8.72 3.91
N THR B 128 19.71 -8.23 5.12
CA THR B 128 19.37 -6.85 5.37
C THR B 128 20.45 -5.99 4.68
N THR B 129 20.03 -5.03 3.89
CA THR B 129 20.97 -4.12 3.21
C THR B 129 20.40 -2.69 3.25
N PRO B 130 21.20 -1.70 3.59
CA PRO B 130 20.73 -0.31 3.65
C PRO B 130 20.58 0.24 2.21
N PRO B 131 19.73 1.21 2.02
CA PRO B 131 19.52 1.81 0.70
C PRO B 131 20.65 2.76 0.36
N SER B 132 20.92 2.98 -0.89
CA SER B 132 21.61 4.22 -1.29
C SER B 132 20.53 5.26 -1.74
N VAL B 133 20.69 6.53 -1.41
CA VAL B 133 19.67 7.53 -1.72
C VAL B 133 20.28 8.55 -2.65
N TYR B 134 19.72 8.68 -3.83
CA TYR B 134 20.30 9.55 -4.82
C TYR B 134 19.30 10.64 -5.21
N PRO B 135 19.76 11.87 -5.37
CA PRO B 135 18.89 12.96 -5.76
C PRO B 135 18.52 12.88 -7.24
N LEU B 136 17.31 13.30 -7.59
CA LEU B 136 16.82 13.41 -8.97
C LEU B 136 16.52 14.90 -9.28
N ALA B 137 17.35 15.50 -10.10
CA ALA B 137 17.28 16.92 -10.45
C ALA B 137 17.33 16.99 -11.96
N PRO B 138 16.57 17.85 -12.55
CA PRO B 138 16.52 17.97 -14.01
C PRO B 138 17.88 18.18 -14.69
N GLY B 139 18.02 17.61 -15.90
CA GLY B 139 19.14 17.97 -16.79
C GLY B 139 18.92 19.35 -17.46
N ALA B 142 15.11 22.78 -19.62
CA ALA B 142 13.85 23.36 -20.14
C ALA B 142 12.88 23.79 -18.99
N THR B 143 12.52 25.09 -18.97
CA THR B 143 11.79 25.73 -17.85
C THR B 143 10.24 25.99 -18.06
N ASN B 144 9.43 25.64 -17.04
CA ASN B 144 7.96 25.95 -17.00
C ASN B 144 7.62 26.54 -15.60
N SER B 145 6.37 26.88 -15.29
CA SER B 145 6.07 27.38 -13.91
C SER B 145 6.18 26.35 -12.72
N MET B 146 6.18 25.06 -13.07
CA MET B 146 6.31 23.98 -12.06
C MET B 146 7.54 23.16 -12.39
N VAL B 147 8.23 22.69 -11.37
CA VAL B 147 9.29 21.77 -11.60
C VAL B 147 9.14 20.50 -10.72
N THR B 148 9.51 19.34 -11.29
CA THR B 148 9.42 18.04 -10.66
C THR B 148 10.83 17.56 -10.33
N LEU B 149 11.06 17.30 -9.05
CA LEU B 149 12.25 16.73 -8.48
C LEU B 149 11.95 15.29 -7.91
N GLY B 150 13.03 14.64 -7.51
CA GLY B 150 12.96 13.29 -7.02
C GLY B 150 14.03 12.78 -6.14
N CYS B 151 13.75 11.60 -5.54
CA CYS B 151 14.71 10.78 -4.79
C CYS B 151 14.57 9.36 -5.26
N LEU B 152 15.69 8.75 -5.55
CA LEU B 152 15.82 7.36 -5.89
C LEU B 152 16.37 6.64 -4.67
N VAL B 153 15.61 5.66 -4.16
CA VAL B 153 16.02 4.94 -2.94
C VAL B 153 16.27 3.49 -3.37
N LYS B 154 17.53 3.13 -3.51
CA LYS B 154 17.91 1.95 -4.31
C LYS B 154 18.71 0.96 -3.51
N GLY B 155 18.47 -0.34 -3.76
CA GLY B 155 19.32 -1.42 -3.26
C GLY B 155 19.12 -1.79 -1.79
N TYR B 156 17.90 -1.77 -1.28
CA TYR B 156 17.67 -2.08 0.11
C TYR B 156 16.91 -3.40 0.28
N PHE B 157 17.01 -3.94 1.48
CA PHE B 157 16.25 -5.11 1.88
C PHE B 157 16.25 -5.22 3.39
N PRO B 158 15.14 -5.61 4.02
CA PRO B 158 13.81 -5.78 3.46
C PRO B 158 12.93 -4.46 3.51
N GLU B 159 11.70 -4.51 3.02
CA GLU B 159 10.74 -3.42 3.16
C GLU B 159 10.44 -3.28 4.62
N PRO B 160 9.99 -2.13 5.08
CA PRO B 160 9.72 -0.94 4.29
C PRO B 160 10.71 0.18 4.56
N VAL B 161 10.55 1.25 3.76
CA VAL B 161 11.27 2.47 4.01
C VAL B 161 10.25 3.58 4.20
N THR B 162 10.66 4.67 4.80
CA THR B 162 9.79 5.83 4.91
C THR B 162 10.45 6.98 4.05
N VAL B 163 9.64 7.70 3.26
CA VAL B 163 10.09 8.87 2.55
C VAL B 163 9.21 10.05 2.88
N THR B 164 9.84 11.17 3.29
CA THR B 164 9.15 12.50 3.34
C THR B 164 9.99 13.59 2.66
N TRP B 165 9.40 14.75 2.49
CA TRP B 165 10.02 15.88 1.84
C TRP B 165 9.99 17.16 2.73
N ASN B 166 11.14 17.82 2.94
CA ASN B 166 11.30 18.98 3.83
C ASN B 166 10.62 18.64 5.15
N SER B 167 10.99 17.45 5.61
CA SER B 167 10.63 16.91 6.91
C SER B 167 9.16 16.85 7.19
N GLY B 168 8.29 16.84 6.20
CA GLY B 168 6.86 16.77 6.47
C GLY B 168 6.12 17.93 5.79
N SER B 169 6.75 19.12 5.77
CA SER B 169 6.19 20.37 5.14
C SER B 169 5.70 20.28 3.69
N LEU B 170 6.46 19.56 2.85
CA LEU B 170 6.06 19.39 1.46
C LEU B 170 5.27 18.11 1.45
N SER B 171 3.96 18.20 1.33
CA SER B 171 3.11 17.03 1.37
C SER B 171 2.26 17.04 0.17
N GLY B 172 2.01 18.23 -0.36
CA GLY B 172 1.21 18.39 -1.56
C GLY B 172 2.11 18.11 -2.78
N GLY B 173 1.51 17.58 -3.83
CA GLY B 173 2.19 17.15 -5.05
C GLY B 173 3.31 16.09 -5.01
N VAL B 174 3.31 15.25 -3.96
CA VAL B 174 4.22 14.15 -3.75
C VAL B 174 3.63 12.85 -4.32
N HIS B 175 4.40 12.13 -5.11
CA HIS B 175 4.08 10.76 -5.41
C HIS B 175 5.23 9.85 -4.90
N THR B 176 4.92 8.95 -3.96
CA THR B 176 5.91 7.99 -3.52
C THR B 176 5.42 6.66 -4.09
N PHE B 177 6.22 6.10 -4.98
CA PHE B 177 5.85 4.91 -5.75
C PHE B 177 6.10 3.63 -4.96
N PRO B 178 5.28 2.59 -5.15
CA PRO B 178 5.54 1.30 -4.47
C PRO B 178 6.92 0.69 -4.86
N ALA B 179 7.61 0.11 -3.91
CA ALA B 179 8.94 -0.52 -4.15
C ALA B 179 8.82 -1.74 -5.05
N VAL B 180 9.78 -1.97 -5.93
CA VAL B 180 9.85 -3.17 -6.76
C VAL B 180 11.09 -3.98 -6.37
N LEU B 181 10.92 -5.28 -6.33
CA LEU B 181 11.96 -6.19 -5.90
C LEU B 181 12.57 -6.76 -7.13
N GLN B 182 13.89 -6.68 -7.19
CA GLN B 182 14.69 -7.28 -8.24
C GLN B 182 15.99 -7.95 -7.67
N SER B 183 16.14 -9.28 -7.83
CA SER B 183 17.36 -9.97 -7.34
C SER B 183 17.65 -9.68 -5.86
N ASP B 184 16.63 -9.85 -5.04
CA ASP B 184 16.74 -9.68 -3.61
C ASP B 184 16.98 -8.24 -3.08
N LEU B 185 16.84 -7.23 -3.95
CA LEU B 185 16.95 -5.87 -3.50
C LEU B 185 15.83 -5.05 -4.01
N TYR B 186 15.29 -4.23 -3.13
CA TYR B 186 14.23 -3.28 -3.48
C TYR B 186 14.77 -1.92 -3.99
N THR B 187 14.03 -1.35 -4.91
CA THR B 187 14.16 0.02 -5.35
C THR B 187 12.83 0.73 -5.36
N LEU B 188 12.85 1.97 -4.88
CA LEU B 188 11.71 2.83 -4.91
C LEU B 188 12.14 4.24 -5.33
N SER B 189 11.17 5.01 -5.76
CA SER B 189 11.33 6.40 -6.05
C SER B 189 10.21 7.26 -5.53
N SER B 190 10.47 8.56 -5.33
CA SER B 190 9.46 9.51 -4.89
C SER B 190 9.66 10.80 -5.66
N SER B 191 8.58 11.39 -6.16
CA SER B 191 8.60 12.68 -6.87
C SER B 191 7.90 13.78 -6.05
N VAL B 192 8.41 15.02 -6.19
CA VAL B 192 7.72 16.17 -5.64
C VAL B 192 7.72 17.26 -6.73
N THR B 193 6.60 18.00 -6.82
CA THR B 193 6.42 19.08 -7.78
C THR B 193 6.25 20.37 -7.02
N VAL B 194 7.10 21.34 -7.38
CA VAL B 194 7.06 22.65 -6.73
C VAL B 194 7.10 23.79 -7.75
N PRO B 195 6.74 24.99 -7.35
CA PRO B 195 6.90 26.14 -8.32
C PRO B 195 8.33 26.39 -8.79
N SER B 196 8.64 26.44 -10.08
CA SER B 196 10.02 26.75 -10.62
C SER B 196 10.61 28.04 -10.09
N SER B 197 9.74 28.95 -9.68
CA SER B 197 10.26 30.13 -8.92
C SER B 197 10.89 29.73 -7.61
N THR B 198 10.56 28.56 -7.07
CA THR B 198 11.02 28.16 -5.69
C THR B 198 12.17 27.20 -5.66
N TRP B 199 12.58 26.68 -6.81
CA TRP B 199 13.76 25.87 -6.83
C TRP B 199 14.47 26.09 -8.17
N PRO B 200 15.80 26.16 -8.19
CA PRO B 200 16.63 25.84 -7.01
C PRO B 200 16.96 26.96 -6.16
N SER B 201 16.19 28.04 -6.21
CA SER B 201 16.49 29.20 -5.36
C SER B 201 16.28 28.87 -3.85
N GLU B 202 15.41 27.92 -3.50
CA GLU B 202 15.25 27.50 -2.07
C GLU B 202 15.41 25.97 -1.96
N THR B 203 15.42 25.47 -0.72
CA THR B 203 15.96 24.18 -0.37
C THR B 203 14.86 23.12 -0.37
N VAL B 204 15.10 21.99 -1.05
CA VAL B 204 14.13 20.85 -1.07
C VAL B 204 14.92 19.57 -0.80
N THR B 205 14.52 18.84 0.21
CA THR B 205 15.31 17.76 0.79
C THR B 205 14.39 16.54 0.92
N CYS B 206 14.86 15.32 0.53
CA CYS B 206 14.09 14.13 0.83
C CYS B 206 14.70 13.45 2.07
N ASN B 207 13.82 12.97 2.94
CA ASN B 207 14.20 12.30 4.18
C ASN B 207 13.81 10.84 4.07
N VAL B 208 14.80 9.98 4.15
CA VAL B 208 14.59 8.56 3.96
C VAL B 208 15.00 7.84 5.21
N ALA B 209 14.13 6.95 5.66
CA ALA B 209 14.48 6.08 6.74
C ALA B 209 14.37 4.58 6.31
N HIS B 210 15.33 3.80 6.70
CA HIS B 210 15.23 2.31 6.63
C HIS B 210 15.49 1.69 8.08
N PRO B 211 14.48 1.58 8.92
CA PRO B 211 14.73 1.08 10.30
C PRO B 211 15.48 -0.25 10.36
N ALA B 212 15.20 -1.25 9.49
CA ALA B 212 15.93 -2.52 9.57
C ALA B 212 17.42 -2.38 9.57
N SER B 213 17.91 -1.41 8.82
CA SER B 213 19.33 -1.12 8.83
C SER B 213 19.73 0.05 9.73
N SER B 214 18.84 0.69 10.47
CA SER B 214 19.24 1.88 11.27
C SER B 214 19.75 3.06 10.41
N THR B 215 19.07 3.29 9.31
CA THR B 215 19.61 4.21 8.34
C THR B 215 18.70 5.38 8.37
N LYS B 216 19.22 6.59 8.51
CA LYS B 216 18.41 7.78 8.18
C LYS B 216 19.24 8.67 7.35
N VAL B 217 18.69 9.08 6.21
CA VAL B 217 19.39 10.02 5.32
C VAL B 217 18.56 11.23 4.99
N ASP B 218 19.20 12.40 4.90
CA ASP B 218 18.64 13.55 4.26
C ASP B 218 19.44 13.82 3.02
N LYS B 219 18.72 13.96 1.90
CA LYS B 219 19.35 14.27 0.64
C LYS B 219 18.71 15.52 0.04
N LYS B 220 19.55 16.55 0.03
CA LYS B 220 19.26 17.82 -0.56
C LYS B 220 19.28 17.75 -2.06
N ILE B 221 18.24 18.21 -2.73
CA ILE B 221 18.23 18.20 -4.16
C ILE B 221 18.91 19.46 -4.74
N VAL B 222 20.02 19.27 -5.44
CA VAL B 222 20.71 20.46 -5.96
C VAL B 222 20.71 20.34 -7.45
N PRO B 223 20.71 21.48 -8.15
CA PRO B 223 20.72 21.44 -9.61
C PRO B 223 21.95 20.70 -10.17
N ARG B 224 21.76 20.18 -11.38
CA ARG B 224 22.65 19.17 -11.99
C ARG B 224 23.88 19.85 -12.61
N ASP B 225 25.07 19.26 -12.29
CA ASP B 225 26.40 19.63 -12.85
C ASP B 225 26.74 18.88 -14.18
#